data_1VIQ
#
_entry.id   1VIQ
#
_cell.length_a   98.176
_cell.length_b   98.176
_cell.length_c   155.942
_cell.angle_alpha   90.00
_cell.angle_beta   90.00
_cell.angle_gamma   120.00
#
_symmetry.space_group_name_H-M   'P 32 2 1'
#
loop_
_entity.id
_entity.type
_entity.pdbx_description
1 polymer 'ADP-ribose pyrophosphatase'
2 water water
#
_entity_poly.entity_id   1
_entity_poly.type   'polypeptide(L)'
_entity_poly.pdbx_seq_one_letter_code
;MSLKPDNLPVTFGKNDVEIIARETLYRGFSSLDLYRFRHRLFNGQMSHEVRREIFERGHAAVLLPFDPVRDEVVLIEQIR
IAAYDTSETPWLLEMVAGMIEEGESVEDVARREAIEEAGLIVKRTKPVLSFLASPGGTSERSSIMVGEVDATTASGIHGL
ADENEDIRVHVVSREQAYQWVEEGKIDNAASVIALQWLQLHHQALKNEWAEGGSHHHHHH
;
_entity_poly.pdbx_strand_id   A,B,C
#
# COMPACT_ATOMS: atom_id res chain seq x y z
N SER A 2 -18.53 -11.16 37.47
CA SER A 2 -19.27 -10.03 36.86
C SER A 2 -20.75 -10.14 37.19
N LEU A 3 -21.20 -9.35 38.15
CA LEU A 3 -22.58 -9.31 38.54
C LEU A 3 -23.17 -7.93 38.22
N LYS A 4 -24.03 -7.87 37.21
CA LYS A 4 -24.76 -6.66 36.86
C LYS A 4 -25.51 -6.10 38.08
N PRO A 5 -25.93 -4.83 38.04
CA PRO A 5 -26.66 -4.25 39.18
C PRO A 5 -28.16 -4.44 39.07
N ASP A 6 -28.83 -4.09 40.17
CA ASP A 6 -30.26 -4.21 40.29
C ASP A 6 -30.94 -3.15 39.42
N ASN A 7 -32.24 -3.33 39.16
CA ASN A 7 -33.12 -2.36 38.51
C ASN A 7 -33.26 -0.98 39.21
N LEU A 8 -33.00 -0.95 40.50
CA LEU A 8 -33.35 0.18 41.39
C LEU A 8 -32.20 1.21 41.40
N PRO A 9 -32.41 2.43 41.88
CA PRO A 9 -33.66 2.89 42.50
C PRO A 9 -34.60 3.70 41.60
N VAL A 10 -34.33 3.80 40.31
CA VAL A 10 -35.28 4.40 39.37
C VAL A 10 -36.37 3.39 38.96
N THR A 11 -37.64 3.72 39.19
CA THR A 11 -38.76 2.86 38.79
C THR A 11 -39.67 3.44 37.73
N PHE A 12 -39.74 4.77 37.61
CA PHE A 12 -40.51 5.35 36.52
C PHE A 12 -39.82 4.97 35.22
N GLY A 13 -40.61 4.55 34.24
CA GLY A 13 -40.14 4.16 32.93
C GLY A 13 -40.99 4.81 31.87
N LYS A 14 -40.86 4.32 30.64
CA LYS A 14 -41.56 4.88 29.48
C LYS A 14 -43.10 4.80 29.56
N ASN A 15 -43.61 3.89 30.39
CA ASN A 15 -45.04 3.81 30.68
C ASN A 15 -45.53 4.92 31.57
N ASP A 16 -44.60 5.77 32.04
CA ASP A 16 -44.97 6.90 32.90
C ASP A 16 -44.89 8.24 32.22
N VAL A 17 -44.57 8.22 30.94
CA VAL A 17 -44.47 9.43 30.13
C VAL A 17 -45.34 9.29 28.90
N GLU A 18 -45.97 10.40 28.55
CA GLU A 18 -46.66 10.50 27.29
C GLU A 18 -46.02 11.70 26.60
N ILE A 19 -45.31 11.45 25.51
CA ILE A 19 -44.88 12.53 24.63
C ILE A 19 -46.13 12.90 23.88
N ILE A 20 -46.55 14.14 24.07
CA ILE A 20 -47.73 14.67 23.41
C ILE A 20 -47.41 14.91 21.94
N ALA A 21 -46.20 15.38 21.66
CA ALA A 21 -45.76 15.73 20.31
C ALA A 21 -44.35 16.33 20.31
N ARG A 22 -43.68 16.17 19.18
CA ARG A 22 -42.41 16.83 18.96
C ARG A 22 -42.61 17.85 17.85
N GLU A 23 -42.47 19.12 18.21
CA GLU A 23 -42.73 20.24 17.32
C GLU A 23 -41.41 20.76 16.76
N THR A 24 -41.15 20.49 15.48
CA THR A 24 -39.97 21.01 14.77
C THR A 24 -39.90 22.53 14.79
N LEU A 25 -38.88 23.05 15.46
CA LEU A 25 -38.63 24.48 15.61
C LEU A 25 -37.64 24.99 14.58
N TYR A 26 -36.85 24.05 14.04
CA TYR A 26 -35.78 24.36 13.10
C TYR A 26 -35.37 23.12 12.35
N ARG A 27 -35.07 23.31 11.07
CA ARG A 27 -34.57 22.23 10.23
C ARG A 27 -33.50 22.78 9.29
N GLY A 28 -32.25 22.59 9.69
CA GLY A 28 -31.09 22.80 8.83
C GLY A 28 -30.26 21.54 8.80
N PHE A 29 -28.95 21.68 9.04
CA PHE A 29 -28.04 20.54 9.09
C PHE A 29 -28.49 19.55 10.16
N SER A 30 -29.04 20.10 11.24
CA SER A 30 -29.58 19.32 12.36
C SER A 30 -30.83 20.03 12.89
N SER A 31 -31.49 19.48 13.90
CA SER A 31 -32.78 20.04 14.32
C SER A 31 -32.95 20.48 15.77
N LEU A 32 -33.69 21.58 15.95
CA LEU A 32 -34.29 21.91 17.22
C LEU A 32 -35.74 21.44 17.15
N ASP A 33 -36.12 20.61 18.11
CA ASP A 33 -37.50 20.13 18.22
C ASP A 33 -38.01 20.39 19.61
N LEU A 34 -39.26 20.81 19.69
CA LEU A 34 -39.93 21.06 20.97
C LEU A 34 -40.64 19.79 21.38
N TYR A 35 -40.07 19.07 22.36
CA TYR A 35 -40.77 17.92 22.96
C TYR A 35 -41.91 18.46 23.82
N ARG A 36 -43.15 18.10 23.48
CA ARG A 36 -44.30 18.38 24.35
C ARG A 36 -44.73 17.09 25.07
N PHE A 37 -44.75 17.12 26.41
CA PHE A 37 -44.96 15.89 27.19
C PHE A 37 -45.62 16.04 28.58
N ARG A 38 -46.25 14.96 29.02
CA ARG A 38 -46.72 14.88 30.41
C ARG A 38 -46.05 13.68 31.04
N HIS A 39 -45.70 13.79 32.32
CA HIS A 39 -45.05 12.69 33.02
C HIS A 39 -45.57 12.53 34.44
N ARG A 40 -45.50 11.30 34.96
CA ARG A 40 -45.83 11.03 36.36
C ARG A 40 -44.90 11.87 37.22
N LEU A 41 -45.37 12.34 38.39
CA LEU A 41 -44.50 13.00 39.38
C LEU A 41 -44.32 12.11 40.58
N PHE A 42 -43.25 12.35 41.37
CA PHE A 42 -42.88 11.49 42.50
C PHE A 42 -43.99 11.33 43.56
N ASN A 43 -44.85 12.33 43.65
CA ASN A 43 -45.91 12.29 44.64
C ASN A 43 -47.13 11.62 44.04
N GLY A 44 -46.97 11.00 42.86
CA GLY A 44 -48.00 10.19 42.25
C GLY A 44 -48.95 10.92 41.31
N GLN A 45 -48.98 12.25 41.41
CA GLN A 45 -49.79 13.08 40.50
C GLN A 45 -49.20 13.21 39.09
N MET A 46 -50.09 13.42 38.12
CA MET A 46 -49.66 13.72 36.76
C MET A 46 -49.12 15.14 36.66
N SER A 47 -48.24 15.37 35.68
CA SER A 47 -47.70 16.71 35.45
C SER A 47 -48.61 17.57 34.55
N HIS A 48 -48.39 18.88 34.59
CA HIS A 48 -48.88 19.78 33.54
C HIS A 48 -48.14 19.42 32.29
N GLU A 49 -48.54 19.99 31.15
CA GLU A 49 -47.80 19.78 29.92
C GLU A 49 -46.44 20.44 30.04
N VAL A 50 -45.40 19.72 29.64
CA VAL A 50 -44.05 20.25 29.69
C VAL A 50 -43.49 20.45 28.28
N ARG A 51 -42.87 21.61 28.07
CA ARG A 51 -42.29 21.95 26.78
C ARG A 51 -40.78 22.06 26.94
N ARG A 52 -40.07 21.25 26.16
CA ARG A 52 -38.61 21.22 26.18
C ARG A 52 -38.00 21.34 24.78
N GLU A 53 -37.15 22.35 24.60
CA GLU A 53 -36.40 22.59 23.37
C GLU A 53 -35.19 21.66 23.33
N ILE A 54 -35.14 20.75 22.36
CA ILE A 54 -34.09 19.72 22.32
C ILE A 54 -33.38 19.66 20.97
N PHE A 55 -32.08 20.00 20.99
CA PHE A 55 -31.22 19.92 19.84
C PHE A 55 -30.98 18.45 19.48
N GLU A 56 -31.30 18.14 18.22
CA GLU A 56 -31.30 16.79 17.72
C GLU A 56 -30.37 16.72 16.52
N ARG A 57 -29.40 15.81 16.59
CA ARG A 57 -28.33 15.77 15.60
C ARG A 57 -27.54 14.47 15.57
N GLY A 58 -28.22 13.35 15.78
CA GLY A 58 -27.58 12.04 15.73
C GLY A 58 -26.72 11.79 16.93
N HIS A 59 -25.97 10.69 16.86
CA HIS A 59 -25.18 10.26 18.01
C HIS A 59 -23.78 9.90 17.55
N ALA A 60 -22.85 9.81 18.48
CA ALA A 60 -21.45 9.78 18.12
C ALA A 60 -20.79 8.51 18.60
N ALA A 61 -19.78 8.08 17.84
CA ALA A 61 -18.84 7.03 18.29
C ALA A 61 -17.56 7.78 18.65
N VAL A 62 -16.81 7.25 19.63
CA VAL A 62 -15.62 7.93 20.13
C VAL A 62 -14.51 6.91 20.30
N LEU A 63 -13.40 7.11 19.61
CA LEU A 63 -12.26 6.25 19.81
C LEU A 63 -11.17 6.86 20.67
N LEU A 64 -10.74 6.11 21.68
CA LEU A 64 -9.54 6.48 22.42
C LEU A 64 -8.38 5.64 21.89
N PRO A 65 -7.53 6.27 21.07
CA PRO A 65 -6.38 5.58 20.49
C PRO A 65 -5.27 5.43 21.53
N PHE A 66 -5.00 4.19 21.94
CA PHE A 66 -4.04 3.91 23.02
C PHE A 66 -3.07 2.85 22.58
N ASP A 67 -1.79 3.15 22.78
CA ASP A 67 -0.69 2.27 22.43
C ASP A 67 -0.18 1.68 23.74
N PRO A 68 -0.54 0.42 23.97
CA PRO A 68 -0.20 -0.29 25.21
C PRO A 68 1.29 -0.60 25.39
N VAL A 69 2.07 -0.65 24.31
CA VAL A 69 3.49 -0.90 24.34
C VAL A 69 4.18 0.38 24.80
N ARG A 70 3.87 1.48 24.14
CA ARG A 70 4.55 2.75 24.42
C ARG A 70 3.87 3.53 25.56
N ASP A 71 2.70 3.08 26.01
CA ASP A 71 1.88 3.80 26.98
C ASP A 71 1.58 5.22 26.56
N GLU A 72 1.14 5.36 25.31
CA GLU A 72 0.87 6.64 24.70
C GLU A 72 -0.56 6.74 24.23
N VAL A 73 -0.99 7.98 24.01
CA VAL A 73 -2.29 8.29 23.46
C VAL A 73 -2.05 9.13 22.21
N VAL A 74 -2.91 8.97 21.23
CA VAL A 74 -2.99 9.88 20.11
C VAL A 74 -4.15 10.86 20.29
N LEU A 75 -3.84 12.15 20.33
CA LEU A 75 -4.87 13.17 20.34
C LEU A 75 -4.99 13.81 19.00
N ILE A 76 -6.15 14.42 18.75
CA ILE A 76 -6.34 15.19 17.55
C ILE A 76 -6.69 16.63 17.85
N GLU A 77 -6.44 17.52 16.91
CA GLU A 77 -6.67 18.91 17.13
C GLU A 77 -7.47 19.41 15.96
N GLN A 78 -8.58 20.10 16.23
CA GLN A 78 -9.38 20.71 15.19
C GLN A 78 -10.08 21.85 15.87
N ILE A 79 -10.56 22.84 15.11
CA ILE A 79 -11.29 23.96 15.69
C ILE A 79 -12.75 23.60 16.04
N ARG A 80 -13.20 24.00 17.23
CA ARG A 80 -14.60 23.91 17.61
C ARG A 80 -15.02 25.34 17.88
N ILE A 81 -15.77 25.93 16.96
CA ILE A 81 -16.08 27.35 17.05
C ILE A 81 -16.96 27.60 18.24
N ALA A 82 -17.71 26.59 18.66
CA ALA A 82 -18.63 26.70 19.79
C ALA A 82 -17.88 26.87 21.10
N ALA A 83 -16.58 26.58 21.09
CA ALA A 83 -15.76 26.70 22.30
C ALA A 83 -15.23 28.12 22.50
N TYR A 84 -15.45 28.96 21.50
CA TYR A 84 -14.79 30.28 21.37
C TYR A 84 -15.06 31.16 22.57
N ASP A 85 -16.32 31.30 22.91
CA ASP A 85 -16.77 32.18 23.98
C ASP A 85 -16.30 31.81 25.40
N THR A 86 -15.86 30.58 25.65
CA THR A 86 -15.46 30.20 27.03
C THR A 86 -14.05 29.74 27.14
N SER A 87 -13.33 29.80 26.02
CA SER A 87 -12.02 29.24 25.98
C SER A 87 -11.06 30.23 25.35
N GLU A 88 -9.79 30.17 25.79
CA GLU A 88 -8.71 30.96 25.25
C GLU A 88 -8.55 30.69 23.77
N THR A 89 -8.61 29.40 23.41
CA THR A 89 -8.58 28.98 22.01
C THR A 89 -9.72 27.98 21.65
N PRO A 90 -10.36 28.17 20.50
CA PRO A 90 -11.34 27.20 20.01
C PRO A 90 -10.73 25.96 19.35
N TRP A 91 -9.41 25.92 19.25
CA TRP A 91 -8.75 24.70 18.82
C TRP A 91 -8.62 23.79 20.02
N LEU A 92 -9.10 22.56 19.88
CA LEU A 92 -9.25 21.69 21.05
C LEU A 92 -8.52 20.40 20.81
N LEU A 93 -8.08 19.76 21.87
CA LEU A 93 -7.37 18.49 21.80
C LEU A 93 -8.44 17.44 22.12
N GLU A 94 -8.71 16.53 21.19
CA GLU A 94 -9.83 15.64 21.34
C GLU A 94 -9.48 14.16 21.08
N MET A 95 -10.52 13.33 21.13
CA MET A 95 -10.48 11.92 20.77
C MET A 95 -11.02 11.82 19.37
N VAL A 96 -10.66 10.74 18.67
CA VAL A 96 -11.25 10.41 17.38
C VAL A 96 -12.73 10.20 17.63
N ALA A 97 -13.58 10.75 16.77
CA ALA A 97 -15.01 10.65 16.94
C ALA A 97 -15.69 11.03 15.66
N GLY A 98 -16.91 10.53 15.48
CA GLY A 98 -17.77 10.98 14.40
C GLY A 98 -19.17 10.51 14.64
N MET A 99 -20.10 11.09 13.88
CA MET A 99 -21.52 10.76 14.00
C MET A 99 -21.79 9.37 13.48
N ILE A 100 -22.77 8.68 14.07
CA ILE A 100 -23.21 7.38 13.61
C ILE A 100 -24.34 7.55 12.56
N GLU A 101 -24.24 6.86 11.42
CA GLU A 101 -25.34 6.81 10.44
C GLU A 101 -25.67 5.40 9.95
N GLU A 102 -26.63 5.34 9.02
CA GLU A 102 -26.98 4.12 8.26
C GLU A 102 -27.10 2.89 9.15
N GLY A 103 -26.40 1.82 8.80
CA GLY A 103 -26.43 0.55 9.52
C GLY A 103 -25.12 0.32 10.25
N GLU A 104 -24.47 1.45 10.54
CA GLU A 104 -23.22 1.48 11.26
C GLU A 104 -23.34 1.12 12.72
N SER A 105 -22.44 0.25 13.17
CA SER A 105 -22.29 -0.02 14.58
C SER A 105 -21.34 1.05 15.08
N VAL A 106 -21.17 1.16 16.39
CA VAL A 106 -20.16 2.08 16.87
C VAL A 106 -18.75 1.61 16.51
N GLU A 107 -18.49 0.29 16.43
CA GLU A 107 -17.15 -0.17 16.01
C GLU A 107 -16.86 0.33 14.60
N ASP A 108 -17.83 0.17 13.69
CA ASP A 108 -17.67 0.64 12.32
C ASP A 108 -17.19 2.08 12.32
N VAL A 109 -17.86 2.94 13.09
CA VAL A 109 -17.61 4.37 13.02
C VAL A 109 -16.30 4.74 13.76
N ALA A 110 -16.00 4.05 14.86
CA ALA A 110 -14.77 4.28 15.61
C ALA A 110 -13.56 4.07 14.71
N ARG A 111 -13.61 2.96 13.97
CA ARG A 111 -12.53 2.52 13.11
C ARG A 111 -12.43 3.39 11.89
N ARG A 112 -13.58 3.67 11.30
CA ARG A 112 -13.63 4.50 10.10
C ARG A 112 -12.96 5.84 10.38
N GLU A 113 -13.41 6.51 11.45
CA GLU A 113 -12.93 7.85 11.87
C GLU A 113 -11.47 7.93 12.29
N ALA A 114 -10.89 6.83 12.76
CA ALA A 114 -9.49 6.80 13.15
C ALA A 114 -8.58 6.85 11.91
N ILE A 115 -9.13 6.47 10.76
CA ILE A 115 -8.41 6.59 9.49
C ILE A 115 -8.60 7.98 8.89
N GLU A 116 -9.85 8.40 8.75
CA GLU A 116 -10.22 9.74 8.25
C GLU A 116 -9.51 10.89 9.00
N GLU A 117 -9.48 10.82 10.33
CA GLU A 117 -8.95 11.89 11.22
C GLU A 117 -7.50 11.74 11.70
N ALA A 118 -7.02 10.50 11.71
CA ALA A 118 -5.70 10.26 12.30
C ALA A 118 -4.85 9.30 11.48
N GLY A 119 -5.38 8.86 10.34
CA GLY A 119 -4.69 7.87 9.53
C GLY A 119 -4.41 6.55 10.27
N LEU A 120 -5.12 6.26 11.36
CA LEU A 120 -4.72 5.18 12.28
C LEU A 120 -5.45 3.85 12.03
N ILE A 121 -4.69 2.76 11.94
CA ILE A 121 -5.25 1.42 11.85
C ILE A 121 -5.40 0.84 13.27
N VAL A 122 -6.60 0.39 13.62
CA VAL A 122 -6.84 -0.07 14.98
C VAL A 122 -6.73 -1.59 15.06
N LYS A 123 -6.21 -2.09 16.18
CA LYS A 123 -6.16 -3.54 16.41
C LYS A 123 -7.32 -4.03 17.30
N ARG A 124 -7.01 -4.48 18.51
CA ARG A 124 -8.08 -4.90 19.44
C ARG A 124 -8.89 -3.72 19.94
N THR A 125 -10.18 -3.93 20.18
CA THR A 125 -11.02 -2.87 20.73
C THR A 125 -11.78 -3.34 21.95
N LYS A 126 -12.10 -2.40 22.85
CA LYS A 126 -12.92 -2.69 24.02
C LYS A 126 -13.99 -1.61 24.11
N PRO A 127 -15.18 -1.93 24.62
CA PRO A 127 -16.08 -0.85 25.02
C PRO A 127 -15.58 -0.25 26.33
N VAL A 128 -15.71 1.07 26.44
CA VAL A 128 -15.35 1.82 27.64
C VAL A 128 -16.64 2.19 28.32
N LEU A 129 -17.23 3.33 27.92
CA LEU A 129 -18.46 3.83 28.50
C LEU A 129 -19.26 4.50 27.40
N SER A 130 -20.54 4.73 27.68
CA SER A 130 -21.41 5.43 26.76
C SER A 130 -22.11 6.49 27.58
N PHE A 131 -22.23 7.72 27.06
CA PHE A 131 -22.76 8.78 27.94
C PHE A 131 -23.60 9.81 27.19
N LEU A 132 -24.60 10.41 27.85
CA LEU A 132 -25.37 11.51 27.28
C LEU A 132 -24.64 12.84 27.59
N ALA A 133 -24.48 13.63 26.56
CA ALA A 133 -23.54 14.73 26.55
C ALA A 133 -24.03 15.82 27.48
N SER A 134 -25.27 16.25 27.21
CA SER A 134 -26.00 17.22 28.01
C SER A 134 -27.50 16.92 27.93
N PRO A 135 -28.02 16.07 28.79
CA PRO A 135 -29.41 15.60 28.63
C PRO A 135 -30.43 16.71 28.80
N GLY A 136 -30.06 17.74 29.55
CA GLY A 136 -30.90 18.90 29.73
C GLY A 136 -31.29 19.57 28.44
N GLY A 137 -30.48 19.43 27.39
CA GLY A 137 -30.62 20.28 26.23
C GLY A 137 -30.29 19.66 24.88
N THR A 138 -29.90 18.39 24.88
CA THR A 138 -29.69 17.62 23.66
C THR A 138 -29.80 16.10 23.90
N SER A 139 -30.29 15.38 22.90
CA SER A 139 -30.39 13.93 22.99
C SER A 139 -29.08 13.18 22.63
N GLU A 140 -28.04 13.89 22.21
CA GLU A 140 -26.78 13.27 21.82
C GLU A 140 -26.29 12.21 22.81
N ARG A 141 -26.07 10.98 22.35
CA ARG A 141 -25.33 9.94 23.09
C ARG A 141 -24.01 9.66 22.36
N SER A 142 -22.93 9.52 23.13
CA SER A 142 -21.59 9.24 22.62
C SER A 142 -21.13 7.91 23.20
N SER A 143 -20.64 7.00 22.37
CA SER A 143 -20.21 5.68 22.83
C SER A 143 -18.74 5.52 22.55
N ILE A 144 -17.98 5.31 23.65
CA ILE A 144 -16.52 5.28 23.67
C ILE A 144 -15.96 3.86 23.70
N MET A 145 -14.98 3.64 22.83
CA MET A 145 -14.22 2.40 22.73
C MET A 145 -12.79 2.80 22.82
N VAL A 146 -11.98 2.01 23.52
CA VAL A 146 -10.52 2.08 23.41
C VAL A 146 -10.03 1.13 22.32
N GLY A 147 -8.97 1.54 21.62
CA GLY A 147 -8.44 0.81 20.49
C GLY A 147 -6.95 0.72 20.55
N GLU A 148 -6.44 -0.50 20.39
CA GLU A 148 -5.02 -0.80 20.39
C GLU A 148 -4.43 -0.26 19.10
N VAL A 149 -3.47 0.64 19.23
CA VAL A 149 -3.01 1.47 18.12
C VAL A 149 -1.48 1.53 18.21
N ASP A 150 -0.80 1.64 17.07
CA ASP A 150 0.65 1.80 17.01
C ASP A 150 0.84 3.29 16.90
N ALA A 151 1.36 3.92 17.97
CA ALA A 151 1.45 5.38 18.02
C ALA A 151 2.52 5.94 17.08
N THR A 152 3.55 5.14 16.78
CA THR A 152 4.56 5.51 15.75
C THR A 152 4.03 5.75 14.34
N THR A 153 2.75 5.48 14.06
CA THR A 153 2.18 5.68 12.72
C THR A 153 1.26 6.88 12.71
N ALA A 154 1.28 7.62 13.82
CA ALA A 154 0.33 8.71 13.99
C ALA A 154 1.09 9.97 13.71
N SER A 155 0.74 10.56 12.58
CA SER A 155 1.37 11.80 12.20
C SER A 155 0.47 12.54 11.22
N GLY A 156 0.69 13.84 11.16
CA GLY A 156 0.27 14.61 10.01
C GLY A 156 -1.07 15.32 10.17
N ILE A 157 -1.44 15.99 9.09
CA ILE A 157 -2.70 16.67 8.99
C ILE A 157 -3.64 15.71 8.30
N HIS A 158 -4.93 15.80 8.63
CA HIS A 158 -5.93 14.93 8.03
C HIS A 158 -7.26 15.67 7.89
N GLY A 159 -8.25 15.02 7.28
CA GLY A 159 -9.56 15.64 7.08
C GLY A 159 -9.86 16.05 5.66
N ASN A 164 -14.69 20.29 4.86
CA ASN A 164 -14.41 21.39 5.81
C ASN A 164 -13.72 20.99 7.14
N GLU A 165 -13.16 19.78 7.19
CA GLU A 165 -12.43 19.33 8.38
C GLU A 165 -10.95 19.46 8.18
N ASP A 166 -10.26 19.88 9.22
CA ASP A 166 -8.83 20.06 9.18
C ASP A 166 -8.30 19.70 10.56
N ILE A 167 -7.51 18.63 10.60
CA ILE A 167 -7.16 17.99 11.85
C ILE A 167 -5.68 17.71 11.92
N ARG A 168 -5.10 18.01 13.08
CA ARG A 168 -3.70 17.76 13.35
C ARG A 168 -3.65 16.68 14.39
N VAL A 169 -2.55 15.95 14.39
CA VAL A 169 -2.36 14.78 15.20
C VAL A 169 -1.21 14.99 16.17
N HIS A 170 -1.39 14.52 17.39
CA HIS A 170 -0.43 14.68 18.47
C HIS A 170 -0.21 13.37 19.22
N VAL A 171 1.03 13.04 19.54
CA VAL A 171 1.26 11.83 20.35
C VAL A 171 1.86 12.23 21.68
N VAL A 172 1.10 12.01 22.74
CA VAL A 172 1.61 12.23 24.07
C VAL A 172 1.52 10.94 24.87
N SER A 173 2.31 10.87 25.94
CA SER A 173 2.18 9.81 26.90
C SER A 173 0.85 9.94 27.63
N ARG A 174 0.34 8.81 28.09
CA ARG A 174 -0.94 8.76 28.80
C ARG A 174 -0.93 9.70 29.99
N GLU A 175 0.19 9.70 30.71
CA GLU A 175 0.33 10.47 31.93
C GLU A 175 0.22 11.95 31.65
N GLN A 176 0.88 12.40 30.60
CA GLN A 176 0.74 13.74 30.07
C GLN A 176 -0.69 14.05 29.61
N ALA A 177 -1.33 13.10 28.92
CA ALA A 177 -2.74 13.30 28.54
C ALA A 177 -3.63 13.48 29.77
N TYR A 178 -3.40 12.68 30.81
CA TYR A 178 -4.22 12.78 32.01
C TYR A 178 -3.90 14.04 32.82
N GLN A 179 -2.65 14.50 32.81
CA GLN A 179 -2.31 15.69 33.57
C GLN A 179 -2.97 16.88 32.92
N TRP A 180 -3.08 16.85 31.60
CA TRP A 180 -3.75 17.91 30.85
C TRP A 180 -5.25 17.97 31.10
N VAL A 181 -5.81 16.86 31.60
CA VAL A 181 -7.20 16.79 32.03
C VAL A 181 -7.34 17.47 33.40
N GLU A 182 -6.54 17.00 34.37
CA GLU A 182 -6.53 17.52 35.72
C GLU A 182 -6.38 19.03 35.73
N GLU A 183 -5.46 19.50 34.89
CA GLU A 183 -5.09 20.90 34.85
C GLU A 183 -5.81 21.74 33.82
N GLY A 184 -6.77 21.15 33.12
CA GLY A 184 -7.69 21.94 32.28
C GLY A 184 -7.35 22.19 30.82
N LYS A 185 -6.25 21.62 30.34
CA LYS A 185 -5.85 21.73 28.92
C LYS A 185 -6.79 20.94 28.03
N ILE A 186 -7.10 19.71 28.41
CA ILE A 186 -8.16 18.94 27.76
C ILE A 186 -9.42 19.12 28.59
N ASP A 187 -10.52 19.55 27.96
CA ASP A 187 -11.73 19.75 28.72
C ASP A 187 -13.05 19.55 27.97
N ASN A 188 -13.01 18.86 26.85
CA ASN A 188 -14.22 18.38 26.18
C ASN A 188 -14.65 17.07 26.82
N ALA A 189 -15.98 16.90 26.95
CA ALA A 189 -16.57 15.86 27.78
C ALA A 189 -15.97 14.52 27.42
N ALA A 190 -15.99 14.18 26.13
CA ALA A 190 -15.50 12.85 25.71
C ALA A 190 -14.03 12.56 26.00
N SER A 191 -13.17 13.58 25.97
CA SER A 191 -11.77 13.34 26.28
C SER A 191 -11.62 13.14 27.74
N VAL A 192 -12.32 13.96 28.54
CA VAL A 192 -12.17 13.85 29.99
C VAL A 192 -12.64 12.45 30.44
N ILE A 193 -13.78 12.01 29.94
CA ILE A 193 -14.31 10.68 30.27
C ILE A 193 -13.37 9.54 29.82
N ALA A 194 -12.98 9.52 28.55
CA ALA A 194 -12.00 8.56 28.08
C ALA A 194 -10.71 8.60 28.90
N LEU A 195 -10.18 9.79 29.17
CA LEU A 195 -8.87 9.88 29.80
C LEU A 195 -8.88 9.62 31.29
N GLN A 196 -9.96 9.96 31.98
CA GLN A 196 -10.15 9.46 33.35
C GLN A 196 -10.41 7.93 33.39
N TRP A 197 -11.20 7.43 32.44
CA TRP A 197 -11.35 5.99 32.36
C TRP A 197 -9.99 5.28 32.19
N LEU A 198 -9.17 5.74 31.25
CA LEU A 198 -7.84 5.17 31.05
C LEU A 198 -7.01 5.21 32.35
N GLN A 199 -7.00 6.35 33.03
CA GLN A 199 -6.23 6.46 34.25
C GLN A 199 -6.64 5.47 35.36
N LEU A 200 -7.88 4.99 35.32
CA LEU A 200 -8.40 4.07 36.33
C LEU A 200 -8.18 2.64 35.87
N HIS A 201 -7.86 2.48 34.59
CA HIS A 201 -7.74 1.17 33.97
C HIS A 201 -6.40 0.82 33.25
N HIS A 202 -5.51 1.79 33.05
CA HIS A 202 -4.30 1.55 32.20
C HIS A 202 -3.49 0.28 32.50
N GLN A 203 -3.32 -0.04 33.77
CA GLN A 203 -2.48 -1.16 34.20
C GLN A 203 -3.06 -2.51 33.82
N ALA A 204 -4.34 -2.72 34.13
CA ALA A 204 -5.08 -3.92 33.72
C ALA A 204 -5.18 -4.09 32.22
N LEU A 205 -5.34 -2.98 31.50
CA LEU A 205 -5.41 -2.98 30.05
C LEU A 205 -4.04 -3.31 29.43
N LYS A 206 -2.99 -2.69 29.97
CA LYS A 206 -1.64 -2.96 29.50
C LYS A 206 -1.31 -4.43 29.73
N ASN A 207 -1.60 -4.91 30.94
CA ASN A 207 -1.46 -6.33 31.27
C ASN A 207 -2.25 -7.24 30.35
N GLU A 208 -3.51 -6.89 30.04
CA GLU A 208 -4.30 -7.78 29.17
C GLU A 208 -3.74 -7.73 27.75
N TRP A 209 -3.46 -6.52 27.25
CA TRP A 209 -2.95 -6.40 25.88
C TRP A 209 -1.43 -6.59 25.82
N SER B 2 -11.69 2.49 -30.60
CA SER B 2 -10.66 1.59 -29.95
C SER B 2 -9.88 0.81 -31.01
N LEU B 3 -8.68 1.31 -31.30
CA LEU B 3 -7.81 0.70 -32.25
C LEU B 3 -6.68 0.17 -31.41
N LYS B 4 -6.47 -1.14 -31.45
CA LYS B 4 -5.38 -1.72 -30.69
C LYS B 4 -4.08 -1.44 -31.42
N PRO B 5 -2.98 -1.37 -30.68
CA PRO B 5 -1.64 -1.23 -31.26
C PRO B 5 -1.26 -2.36 -32.23
N ASP B 6 -0.51 -2.03 -33.27
CA ASP B 6 0.02 -3.06 -34.18
C ASP B 6 0.58 -4.19 -33.35
N ASN B 7 0.60 -5.38 -33.93
CA ASN B 7 1.33 -6.48 -33.33
C ASN B 7 2.79 -6.11 -33.32
N LEU B 8 3.59 -6.69 -32.43
CA LEU B 8 5.00 -6.38 -32.32
C LEU B 8 5.76 -6.88 -33.55
N PRO B 9 6.81 -6.17 -33.98
CA PRO B 9 7.62 -6.64 -35.11
C PRO B 9 8.67 -7.63 -34.61
N VAL B 10 8.27 -8.54 -33.73
CA VAL B 10 9.14 -9.60 -33.20
C VAL B 10 9.32 -10.70 -34.24
N THR B 11 10.54 -11.21 -34.33
CA THR B 11 10.93 -12.08 -35.43
C THR B 11 10.47 -13.55 -35.33
N PHE B 12 10.49 -14.12 -34.14
CA PHE B 12 10.30 -15.56 -33.99
C PHE B 12 9.30 -15.87 -32.87
N GLY B 13 8.93 -17.15 -32.78
CA GLY B 13 8.16 -17.67 -31.67
C GLY B 13 8.58 -19.05 -31.15
N LYS B 14 7.72 -19.64 -30.35
CA LYS B 14 7.90 -20.97 -29.77
C LYS B 14 8.43 -22.03 -30.73
N ASN B 15 7.93 -22.02 -31.97
CA ASN B 15 8.31 -23.07 -32.94
C ASN B 15 9.74 -22.87 -33.45
N ASP B 16 10.31 -21.71 -33.13
CA ASP B 16 11.67 -21.34 -33.51
C ASP B 16 12.68 -21.64 -32.39
N VAL B 17 12.21 -22.27 -31.32
CA VAL B 17 13.05 -22.68 -30.20
C VAL B 17 12.90 -24.19 -29.98
N GLU B 18 13.97 -24.78 -29.48
CA GLU B 18 13.97 -26.17 -29.11
C GLU B 18 14.58 -26.30 -27.70
N ILE B 19 13.70 -26.47 -26.72
CA ILE B 19 14.11 -26.82 -25.37
C ILE B 19 14.56 -28.29 -25.31
N ILE B 20 15.86 -28.51 -25.19
CA ILE B 20 16.42 -29.85 -25.07
C ILE B 20 15.90 -30.53 -23.79
N ALA B 21 16.24 -29.96 -22.64
CA ALA B 21 15.86 -30.47 -21.33
C ALA B 21 15.82 -29.35 -20.28
N ARG B 22 15.10 -29.60 -19.20
CA ARG B 22 15.16 -28.74 -18.04
C ARG B 22 15.73 -29.56 -16.89
N GLU B 23 16.99 -29.36 -16.57
CA GLU B 23 17.55 -30.16 -15.51
C GLU B 23 17.47 -29.37 -14.23
N THR B 24 17.01 -30.04 -13.18
CA THR B 24 16.77 -29.38 -11.89
C THR B 24 18.01 -29.37 -11.05
N LEU B 25 18.42 -28.17 -10.69
CA LEU B 25 19.58 -27.92 -9.88
C LEU B 25 19.22 -27.94 -8.41
N TYR B 26 17.91 -27.81 -8.12
CA TYR B 26 17.42 -27.77 -6.75
C TYR B 26 15.90 -27.78 -6.75
N ARG B 27 15.28 -28.61 -5.91
CA ARG B 27 13.81 -28.66 -5.77
C ARG B 27 13.31 -28.54 -4.32
N GLY B 28 13.46 -27.35 -3.72
CA GLY B 28 13.08 -27.12 -2.33
C GLY B 28 11.72 -26.45 -2.21
N PHE B 29 11.65 -25.37 -1.43
CA PHE B 29 10.44 -24.58 -1.44
C PHE B 29 10.26 -23.93 -2.80
N SER B 30 11.33 -23.35 -3.31
CA SER B 30 11.45 -22.95 -4.71
C SER B 30 12.40 -23.90 -5.42
N SER B 31 12.39 -23.89 -6.76
CA SER B 31 13.35 -24.66 -7.55
C SER B 31 14.22 -23.84 -8.48
N LEU B 32 15.33 -24.45 -8.91
CA LEU B 32 16.21 -23.87 -9.91
C LEU B 32 16.46 -24.90 -11.00
N ASP B 33 16.05 -24.57 -12.25
CA ASP B 33 16.27 -25.44 -13.40
C ASP B 33 17.26 -24.81 -14.36
N LEU B 34 18.08 -25.66 -14.96
CA LEU B 34 19.02 -25.30 -16.02
C LEU B 34 18.28 -25.61 -17.30
N TYR B 35 17.80 -24.56 -17.96
CA TYR B 35 17.07 -24.68 -19.22
C TYR B 35 18.20 -24.87 -20.23
N ARG B 36 18.09 -25.91 -21.05
CA ARG B 36 19.08 -26.15 -22.12
C ARG B 36 18.31 -26.06 -23.41
N PHE B 37 18.80 -25.24 -24.32
CA PHE B 37 17.95 -24.95 -25.46
C PHE B 37 18.77 -24.42 -26.62
N ARG B 38 18.21 -24.58 -27.82
CA ARG B 38 18.72 -24.01 -29.06
C ARG B 38 17.61 -23.11 -29.60
N HIS B 39 17.97 -21.99 -30.22
CA HIS B 39 16.97 -21.05 -30.76
C HIS B 39 17.43 -20.46 -32.09
N ARG B 40 16.53 -20.20 -33.00
CA ARG B 40 16.87 -19.41 -34.19
C ARG B 40 17.69 -18.19 -33.85
N LEU B 41 18.66 -17.85 -34.71
CA LEU B 41 19.40 -16.59 -34.56
C LEU B 41 18.84 -15.58 -35.61
N PHE B 42 19.15 -14.27 -35.49
CA PHE B 42 18.62 -13.28 -36.45
C PHE B 42 19.32 -13.33 -37.80
N ASN B 43 20.41 -14.07 -37.91
CA ASN B 43 21.05 -14.27 -39.22
C ASN B 43 20.47 -15.50 -39.92
N GLY B 44 19.43 -16.06 -39.35
CA GLY B 44 18.74 -17.17 -39.99
C GLY B 44 19.15 -18.48 -39.37
N GLN B 45 20.37 -18.52 -38.79
CA GLN B 45 20.85 -19.81 -38.29
C GLN B 45 20.19 -20.22 -36.99
N MET B 46 20.15 -21.52 -36.77
CA MET B 46 19.80 -22.12 -35.50
C MET B 46 21.03 -22.15 -34.60
N SER B 47 20.88 -21.81 -33.34
CA SER B 47 22.06 -21.57 -32.47
C SER B 47 22.64 -22.85 -31.87
N HIS B 48 23.82 -22.77 -31.25
CA HIS B 48 24.32 -23.93 -30.50
C HIS B 48 23.51 -23.98 -29.20
N GLU B 49 23.76 -24.97 -28.37
CA GLU B 49 22.97 -25.11 -27.13
C GLU B 49 23.28 -24.01 -26.12
N VAL B 50 22.23 -23.52 -25.48
CA VAL B 50 22.39 -22.49 -24.49
C VAL B 50 21.86 -23.07 -23.20
N ARG B 51 22.51 -22.69 -22.10
CA ARG B 51 22.05 -23.09 -20.78
C ARG B 51 21.93 -21.86 -19.92
N ARG B 52 20.78 -21.78 -19.25
CA ARG B 52 20.52 -20.72 -18.29
C ARG B 52 19.88 -21.30 -17.04
N GLU B 53 20.26 -20.74 -15.91
CA GLU B 53 19.73 -21.15 -14.63
C GLU B 53 18.53 -20.27 -14.30
N ILE B 54 17.36 -20.89 -14.14
CA ILE B 54 16.11 -20.14 -13.98
C ILE B 54 15.47 -20.49 -12.65
N PHE B 55 15.10 -19.48 -11.88
CA PHE B 55 14.44 -19.66 -10.60
C PHE B 55 12.96 -19.82 -10.85
N GLU B 56 12.36 -20.88 -10.32
CA GLU B 56 10.91 -20.96 -10.34
C GLU B 56 10.27 -20.92 -8.94
N ARG B 57 9.31 -20.01 -8.75
CA ARG B 57 8.51 -19.93 -7.50
C ARG B 57 7.03 -19.71 -7.78
N GLY B 58 6.59 -19.93 -9.01
CA GLY B 58 5.21 -19.71 -9.33
C GLY B 58 4.93 -18.27 -9.73
N HIS B 59 3.65 -17.92 -9.68
CA HIS B 59 3.19 -16.67 -10.25
C HIS B 59 2.29 -16.00 -9.26
N ALA B 60 2.34 -14.66 -9.24
CA ALA B 60 1.64 -13.88 -8.22
C ALA B 60 0.42 -13.12 -8.75
N ALA B 61 -0.56 -12.86 -7.87
CA ALA B 61 -1.65 -11.93 -8.13
C ALA B 61 -1.38 -10.70 -7.28
N VAL B 62 -1.51 -9.53 -7.89
CA VAL B 62 -1.27 -8.24 -7.21
C VAL B 62 -2.52 -7.35 -7.28
N LEU B 63 -3.07 -7.01 -6.12
CA LEU B 63 -4.10 -5.98 -6.02
C LEU B 63 -3.50 -4.62 -5.64
N LEU B 64 -3.87 -3.60 -6.42
CA LEU B 64 -3.71 -2.18 -6.08
C LEU B 64 -5.05 -1.73 -5.58
N PRO B 65 -5.18 -1.63 -4.25
CA PRO B 65 -6.45 -1.28 -3.64
C PRO B 65 -6.58 0.26 -3.65
N PHE B 66 -7.51 0.77 -4.45
CA PHE B 66 -7.65 2.21 -4.66
C PHE B 66 -9.01 2.67 -4.25
N ASP B 67 -9.03 3.75 -3.46
CA ASP B 67 -10.25 4.36 -3.03
C ASP B 67 -10.50 5.63 -3.88
N PRO B 68 -11.41 5.51 -4.85
CA PRO B 68 -11.67 6.59 -5.80
C PRO B 68 -12.31 7.81 -5.17
N VAL B 69 -13.03 7.65 -4.06
CA VAL B 69 -13.71 8.74 -3.37
C VAL B 69 -12.70 9.57 -2.55
N ARG B 70 -11.82 8.86 -1.84
CA ARG B 70 -10.82 9.49 -1.00
C ARG B 70 -9.50 9.81 -1.72
N ASP B 71 -9.32 9.28 -2.93
CA ASP B 71 -8.05 9.41 -3.69
C ASP B 71 -6.87 8.92 -2.86
N GLU B 72 -7.04 7.70 -2.34
CA GLU B 72 -6.12 7.09 -1.38
C GLU B 72 -5.76 5.70 -1.83
N VAL B 73 -4.67 5.18 -1.26
CA VAL B 73 -4.16 3.90 -1.58
C VAL B 73 -3.91 3.10 -0.26
N VAL B 74 -4.13 1.79 -0.29
CA VAL B 74 -3.78 0.99 0.88
C VAL B 74 -2.54 0.14 0.61
N LEU B 75 -1.47 0.44 1.38
CA LEU B 75 -0.16 -0.18 1.24
C LEU B 75 -0.01 -1.20 2.34
N ILE B 76 0.92 -2.15 2.21
CA ILE B 76 1.18 -3.06 3.30
C ILE B 76 2.70 -3.26 3.46
N GLU B 77 3.18 -3.10 4.68
CA GLU B 77 4.61 -3.18 4.95
C GLU B 77 4.99 -4.54 5.55
N GLN B 78 6.06 -5.14 5.07
CA GLN B 78 6.65 -6.30 5.73
C GLN B 78 8.09 -6.53 5.28
N ILE B 79 8.83 -7.33 6.07
CA ILE B 79 10.22 -7.58 5.79
C ILE B 79 10.34 -8.49 4.58
N ARG B 80 11.36 -8.23 3.78
CA ARG B 80 11.73 -9.09 2.68
C ARG B 80 13.24 -9.06 2.75
N ILE B 81 13.80 -10.15 3.27
CA ILE B 81 15.20 -10.15 3.64
C ILE B 81 16.08 -10.07 2.39
N ALA B 82 15.51 -10.46 1.26
CA ALA B 82 16.20 -10.32 -0.02
C ALA B 82 16.49 -8.87 -0.39
N ALA B 83 15.87 -7.90 0.28
CA ALA B 83 16.19 -6.51 -0.03
C ALA B 83 17.37 -6.01 0.83
N TYR B 84 17.77 -6.85 1.77
CA TYR B 84 18.74 -6.44 2.77
C TYR B 84 20.01 -5.86 2.22
N ASP B 85 20.70 -6.54 1.30
CA ASP B 85 22.05 -6.11 0.87
C ASP B 85 22.10 -4.84 0.02
N THR B 86 20.97 -4.19 -0.20
CA THR B 86 20.83 -3.30 -1.34
C THR B 86 19.94 -2.10 -0.98
N SER B 87 19.28 -2.19 0.17
CA SER B 87 18.37 -1.13 0.60
C SER B 87 18.73 -0.66 1.99
N GLU B 88 18.32 0.58 2.32
CA GLU B 88 18.49 1.10 3.68
C GLU B 88 17.78 0.25 4.75
N THR B 89 16.67 -0.39 4.37
CA THR B 89 15.93 -1.30 5.27
C THR B 89 15.20 -2.41 4.49
N PRO B 90 15.18 -3.63 5.01
CA PRO B 90 14.45 -4.72 4.34
C PRO B 90 12.92 -4.67 4.50
N TRP B 91 12.39 -3.80 5.34
CA TRP B 91 10.94 -3.64 5.43
C TRP B 91 10.49 -2.79 4.24
N LEU B 92 9.57 -3.32 3.44
CA LEU B 92 9.11 -2.61 2.23
C LEU B 92 7.62 -2.34 2.29
N LEU B 93 7.22 -1.22 1.69
CA LEU B 93 5.81 -0.92 1.40
C LEU B 93 5.42 -1.61 0.11
N GLU B 94 4.33 -2.34 0.12
CA GLU B 94 3.97 -3.17 -1.02
C GLU B 94 2.48 -3.12 -1.29
N MET B 95 2.08 -3.84 -2.33
CA MET B 95 0.70 -3.98 -2.71
C MET B 95 0.13 -5.18 -2.02
N VAL B 96 -1.20 -5.35 -2.10
CA VAL B 96 -1.81 -6.60 -1.66
C VAL B 96 -1.44 -7.58 -2.75
N ALA B 97 -0.90 -8.74 -2.37
CA ALA B 97 -0.50 -9.74 -3.33
C ALA B 97 -0.39 -11.14 -2.74
N GLY B 98 -0.57 -12.19 -3.55
CA GLY B 98 -0.29 -13.55 -3.09
C GLY B 98 0.09 -14.41 -4.25
N MET B 99 0.58 -15.61 -3.98
CA MET B 99 1.00 -16.51 -5.04
C MET B 99 -0.25 -17.23 -5.49
N ILE B 100 -0.32 -17.56 -6.79
CA ILE B 100 -1.48 -18.20 -7.36
C ILE B 100 -1.20 -19.70 -7.45
N GLU B 101 -2.12 -20.52 -6.95
CA GLU B 101 -2.00 -21.98 -6.99
C GLU B 101 -2.91 -22.60 -8.03
N GLU B 102 -2.67 -23.90 -8.26
CA GLU B 102 -3.66 -24.84 -8.81
C GLU B 102 -4.48 -24.30 -9.98
N GLY B 103 -5.76 -24.05 -9.74
CA GLY B 103 -6.62 -23.43 -10.75
C GLY B 103 -7.29 -22.19 -10.17
N GLU B 104 -6.48 -21.32 -9.56
CA GLU B 104 -7.00 -20.09 -8.98
C GLU B 104 -7.03 -19.04 -10.06
N SER B 105 -8.10 -18.26 -10.10
CA SER B 105 -8.12 -17.03 -10.87
C SER B 105 -7.28 -15.93 -10.15
N VAL B 106 -6.91 -14.86 -10.86
CA VAL B 106 -6.12 -13.80 -10.24
C VAL B 106 -7.04 -12.94 -9.39
N GLU B 107 -8.23 -12.68 -9.89
CA GLU B 107 -9.28 -12.03 -9.12
C GLU B 107 -9.48 -12.66 -7.75
N ASP B 108 -9.70 -13.99 -7.71
CA ASP B 108 -9.96 -14.70 -6.47
C ASP B 108 -8.84 -14.56 -5.46
N VAL B 109 -7.60 -14.67 -5.91
CA VAL B 109 -6.43 -14.50 -5.03
C VAL B 109 -6.35 -13.05 -4.50
N ALA B 110 -6.46 -12.08 -5.40
CA ALA B 110 -6.42 -10.68 -5.03
C ALA B 110 -7.47 -10.30 -3.98
N ARG B 111 -8.69 -10.85 -4.12
CA ARG B 111 -9.76 -10.63 -3.17
C ARG B 111 -9.54 -11.36 -1.86
N ARG B 112 -9.12 -12.63 -1.95
CA ARG B 112 -8.81 -13.35 -0.74
C ARG B 112 -7.73 -12.55 -0.01
N GLU B 113 -6.71 -12.10 -0.73
CA GLU B 113 -5.56 -11.44 -0.10
C GLU B 113 -5.87 -10.09 0.47
N ALA B 114 -6.79 -9.36 -0.18
CA ALA B 114 -7.24 -8.05 0.29
C ALA B 114 -7.92 -8.18 1.66
N ILE B 115 -8.81 -9.15 1.79
CA ILE B 115 -9.52 -9.30 3.06
C ILE B 115 -8.63 -9.88 4.15
N GLU B 116 -7.77 -10.82 3.79
CA GLU B 116 -6.95 -11.47 4.79
C GLU B 116 -5.84 -10.54 5.28
N GLU B 117 -5.22 -9.79 4.38
CA GLU B 117 -4.16 -8.84 4.70
C GLU B 117 -4.61 -7.52 5.30
N ALA B 118 -5.78 -7.02 4.92
CA ALA B 118 -6.04 -5.63 5.25
C ALA B 118 -7.48 -5.42 5.63
N GLY B 119 -8.20 -6.52 5.72
CA GLY B 119 -9.61 -6.42 6.06
C GLY B 119 -10.42 -5.77 4.97
N LEU B 120 -9.91 -5.75 3.75
CA LEU B 120 -10.56 -4.96 2.71
C LEU B 120 -11.45 -5.77 1.79
N ILE B 121 -12.65 -5.26 1.54
CA ILE B 121 -13.58 -5.87 0.60
C ILE B 121 -13.46 -5.13 -0.71
N VAL B 122 -13.28 -5.87 -1.80
CA VAL B 122 -13.09 -5.24 -3.10
C VAL B 122 -14.42 -5.26 -3.86
N LYS B 123 -14.79 -4.09 -4.37
CA LYS B 123 -15.97 -3.97 -5.18
C LYS B 123 -15.60 -4.18 -6.63
N ARG B 124 -15.61 -3.11 -7.44
CA ARG B 124 -15.25 -3.24 -8.84
C ARG B 124 -13.74 -3.51 -8.98
N THR B 125 -13.35 -4.20 -10.05
CA THR B 125 -11.94 -4.46 -10.34
C THR B 125 -11.70 -4.29 -11.81
N LYS B 126 -10.48 -3.87 -12.20
CA LYS B 126 -10.05 -3.89 -13.60
C LYS B 126 -8.70 -4.56 -13.66
N PRO B 127 -8.41 -5.26 -14.75
CA PRO B 127 -7.06 -5.74 -15.01
C PRO B 127 -6.18 -4.56 -15.34
N VAL B 128 -4.91 -4.64 -14.90
CA VAL B 128 -3.96 -3.57 -15.13
C VAL B 128 -2.83 -4.04 -16.06
N LEU B 129 -2.08 -5.05 -15.60
CA LEU B 129 -0.89 -5.46 -16.27
C LEU B 129 -0.41 -6.79 -15.74
N SER B 130 0.16 -7.60 -16.61
CA SER B 130 0.80 -8.85 -16.25
C SER B 130 2.22 -8.73 -16.75
N PHE B 131 3.18 -8.72 -15.83
CA PHE B 131 4.53 -8.43 -16.19
C PHE B 131 5.45 -9.49 -15.69
N LEU B 132 6.56 -9.67 -16.42
CA LEU B 132 7.65 -10.56 -16.05
C LEU B 132 8.63 -9.79 -15.17
N ALA B 133 8.82 -10.30 -13.96
CA ALA B 133 9.61 -9.64 -12.92
C ALA B 133 11.05 -9.50 -13.33
N SER B 134 11.63 -10.58 -13.83
CA SER B 134 13.00 -10.55 -14.31
C SER B 134 13.27 -11.68 -15.28
N PRO B 135 12.92 -11.49 -16.56
CA PRO B 135 12.99 -12.58 -17.54
C PRO B 135 14.39 -13.16 -17.65
N GLY B 136 15.40 -12.35 -17.34
CA GLY B 136 16.78 -12.80 -17.38
C GLY B 136 17.07 -13.87 -16.36
N GLY B 137 16.26 -13.97 -15.31
CA GLY B 137 16.60 -14.80 -14.18
C GLY B 137 15.54 -15.69 -13.58
N THR B 138 14.26 -15.36 -13.81
CA THR B 138 13.17 -16.14 -13.28
C THR B 138 11.99 -16.13 -14.23
N SER B 139 11.13 -17.12 -14.09
CA SER B 139 9.94 -17.22 -14.88
C SER B 139 8.79 -16.53 -14.21
N GLU B 140 9.01 -15.93 -13.04
CA GLU B 140 7.91 -15.25 -12.36
C GLU B 140 7.14 -14.28 -13.26
N ARG B 141 5.85 -14.21 -13.02
CA ARG B 141 4.93 -13.46 -13.82
C ARG B 141 3.97 -13.01 -12.73
N SER B 142 3.70 -11.70 -12.65
CA SER B 142 2.78 -11.10 -11.70
C SER B 142 1.69 -10.29 -12.44
N SER B 143 0.42 -10.61 -12.21
CA SER B 143 -0.71 -9.89 -12.81
C SER B 143 -1.34 -8.90 -11.84
N ILE B 144 -1.38 -7.62 -12.19
CA ILE B 144 -1.91 -6.55 -11.34
C ILE B 144 -3.34 -6.21 -11.70
N MET B 145 -4.19 -6.04 -10.69
CA MET B 145 -5.51 -5.50 -10.92
C MET B 145 -5.65 -4.30 -10.02
N VAL B 146 -6.49 -3.36 -10.43
CA VAL B 146 -6.93 -2.35 -9.50
C VAL B 146 -8.31 -2.74 -8.96
N GLY B 147 -8.47 -2.56 -7.66
CA GLY B 147 -9.72 -2.88 -7.02
C GLY B 147 -10.25 -1.77 -6.19
N GLU B 148 -11.56 -1.57 -6.29
CA GLU B 148 -12.31 -0.55 -5.60
C GLU B 148 -12.41 -0.88 -4.14
N VAL B 149 -12.01 0.06 -3.31
CA VAL B 149 -11.89 -0.18 -1.91
C VAL B 149 -12.37 1.06 -1.16
N ASP B 150 -12.98 0.85 0.00
CA ASP B 150 -13.31 1.96 0.88
C ASP B 150 -12.15 2.00 1.87
N ALA B 151 -11.17 2.87 1.64
CA ALA B 151 -9.97 2.84 2.48
C ALA B 151 -10.25 2.99 3.97
N THR B 152 -11.43 3.47 4.34
CA THR B 152 -11.75 3.57 5.76
C THR B 152 -12.11 2.26 6.42
N THR B 153 -12.01 1.13 5.70
CA THR B 153 -12.41 -0.15 6.25
C THR B 153 -11.18 -0.98 6.63
N ALA B 154 -10.00 -0.49 6.30
CA ALA B 154 -8.75 -1.17 6.66
C ALA B 154 -8.69 -1.57 8.14
N SER B 155 -8.03 -2.70 8.42
CA SER B 155 -7.84 -3.19 9.79
C SER B 155 -6.52 -3.87 10.04
N GLY B 156 -6.04 -3.67 11.27
CA GLY B 156 -4.88 -4.35 11.82
C GLY B 156 -5.23 -5.73 12.35
N ILE B 157 -6.40 -6.22 11.94
CA ILE B 157 -6.83 -7.60 12.17
C ILE B 157 -6.56 -8.40 10.91
N HIS B 158 -5.93 -9.56 11.10
CA HIS B 158 -5.55 -10.42 9.99
C HIS B 158 -6.73 -11.23 9.48
N ASP B 166 3.95 -11.22 9.40
CA ASP B 166 3.90 -9.97 10.13
C ASP B 166 3.80 -8.74 9.22
N ILE B 167 2.59 -8.18 9.15
CA ILE B 167 2.23 -7.13 8.19
C ILE B 167 1.76 -5.91 8.93
N ARG B 168 1.84 -4.75 8.27
CA ARG B 168 1.27 -3.55 8.81
C ARG B 168 0.66 -2.69 7.70
N VAL B 169 -0.58 -2.25 7.91
CA VAL B 169 -1.33 -1.50 6.90
C VAL B 169 -1.08 -0.01 6.96
N HIS B 170 -0.83 0.61 5.79
CA HIS B 170 -0.87 2.07 5.66
C HIS B 170 -1.97 2.52 4.69
N VAL B 171 -2.73 3.52 5.09
CA VAL B 171 -3.64 4.23 4.17
C VAL B 171 -2.98 5.56 3.83
N VAL B 172 -2.53 5.74 2.59
CA VAL B 172 -1.94 7.02 2.22
C VAL B 172 -2.60 7.53 0.95
N SER B 173 -2.56 8.84 0.76
CA SER B 173 -3.12 9.46 -0.41
C SER B 173 -2.35 9.01 -1.64
N ARG B 174 -3.03 9.00 -2.79
CA ARG B 174 -2.36 8.64 -4.02
C ARG B 174 -1.11 9.47 -4.26
N GLU B 175 -1.25 10.80 -4.25
CA GLU B 175 -0.09 11.71 -4.43
C GLU B 175 1.09 11.31 -3.54
N GLN B 176 0.83 11.02 -2.27
CA GLN B 176 1.91 10.61 -1.33
C GLN B 176 2.55 9.30 -1.72
N ALA B 177 1.79 8.38 -2.28
CA ALA B 177 2.34 7.07 -2.53
C ALA B 177 3.19 7.22 -3.75
N TYR B 178 2.69 7.98 -4.73
CA TYR B 178 3.43 8.24 -5.95
C TYR B 178 4.75 9.00 -5.71
N GLN B 179 4.70 9.92 -4.77
CA GLN B 179 5.86 10.69 -4.40
C GLN B 179 6.92 9.80 -3.80
N TRP B 180 6.53 8.88 -2.92
CA TRP B 180 7.47 7.86 -2.42
C TRP B 180 8.06 6.98 -3.54
N VAL B 181 7.29 6.80 -4.63
CA VAL B 181 7.84 6.12 -5.81
C VAL B 181 8.98 7.01 -6.35
N GLU B 182 8.64 8.24 -6.74
CA GLU B 182 9.63 9.23 -7.19
C GLU B 182 10.89 9.39 -6.29
N GLU B 183 10.73 9.36 -4.96
CA GLU B 183 11.86 9.49 -4.02
C GLU B 183 12.58 8.17 -3.72
N GLY B 184 12.00 7.05 -4.14
CA GLY B 184 12.66 5.78 -3.93
C GLY B 184 12.32 5.12 -2.64
N LYS B 185 11.29 5.60 -1.94
CA LYS B 185 10.87 4.94 -0.69
C LYS B 185 9.93 3.77 -0.99
N ILE B 186 9.29 3.84 -2.16
CA ILE B 186 8.68 2.65 -2.77
C ILE B 186 9.51 2.22 -4.00
N ASP B 187 10.10 1.02 -3.94
CA ASP B 187 10.98 0.52 -5.03
C ASP B 187 10.94 -1.03 -5.30
N ASN B 188 9.81 -1.66 -5.02
CA ASN B 188 9.60 -3.05 -5.40
C ASN B 188 8.80 -3.00 -6.71
N ALA B 189 9.20 -3.78 -7.70
CA ALA B 189 8.65 -3.72 -9.05
C ALA B 189 7.11 -3.58 -9.19
N ALA B 190 6.36 -4.34 -8.43
CA ALA B 190 4.90 -4.36 -8.60
C ALA B 190 4.21 -3.10 -8.11
N SER B 191 4.81 -2.45 -7.10
CA SER B 191 4.22 -1.23 -6.57
C SER B 191 4.52 -0.02 -7.46
N VAL B 192 5.78 0.06 -7.93
CA VAL B 192 6.18 0.99 -8.98
C VAL B 192 5.29 0.88 -10.25
N ILE B 193 5.21 -0.31 -10.84
CA ILE B 193 4.25 -0.54 -11.92
C ILE B 193 2.84 -0.10 -11.53
N ALA B 194 2.20 -0.76 -10.57
CA ALA B 194 0.88 -0.29 -10.11
C ALA B 194 0.74 1.22 -9.87
N LEU B 195 1.72 1.85 -9.20
CA LEU B 195 1.53 3.25 -8.82
C LEU B 195 1.84 4.20 -9.98
N GLN B 196 2.84 3.90 -10.80
CA GLN B 196 2.98 4.65 -12.05
C GLN B 196 1.73 4.50 -12.92
N TRP B 197 1.22 3.26 -13.08
CA TRP B 197 -0.03 3.09 -13.84
C TRP B 197 -1.16 3.96 -13.27
N LEU B 198 -1.35 3.93 -11.95
CA LEU B 198 -2.42 4.73 -11.38
C LEU B 198 -2.19 6.23 -11.72
N GLN B 199 -0.94 6.71 -11.63
CA GLN B 199 -0.66 8.14 -11.82
C GLN B 199 -1.13 8.63 -13.18
N LEU B 200 -1.24 7.70 -14.12
CA LEU B 200 -1.46 7.98 -15.50
C LEU B 200 -2.92 7.74 -15.87
N HIS B 201 -3.64 6.95 -15.07
CA HIS B 201 -5.06 6.66 -15.29
C HIS B 201 -6.01 7.17 -14.19
N HIS B 202 -5.48 7.88 -13.19
CA HIS B 202 -6.27 8.22 -12.00
C HIS B 202 -7.51 9.05 -12.24
N GLN B 203 -7.40 10.08 -13.06
CA GLN B 203 -8.59 10.90 -13.30
C GLN B 203 -9.67 10.17 -14.10
N ALA B 204 -9.26 9.35 -15.06
CA ALA B 204 -10.22 8.57 -15.85
C ALA B 204 -10.94 7.54 -14.96
N LEU B 205 -10.16 6.87 -14.11
CA LEU B 205 -10.64 5.91 -13.14
C LEU B 205 -11.57 6.49 -12.05
N LYS B 206 -11.16 7.62 -11.45
CA LYS B 206 -12.05 8.39 -10.57
C LYS B 206 -13.35 8.81 -11.28
N ASN B 207 -13.25 9.13 -12.58
CA ASN B 207 -14.40 9.50 -13.39
C ASN B 207 -15.30 8.28 -13.63
N GLU B 208 -14.68 7.12 -13.79
CA GLU B 208 -15.45 5.88 -13.89
C GLU B 208 -16.11 5.47 -12.57
N TRP B 209 -15.34 5.49 -11.50
CA TRP B 209 -15.77 4.90 -10.24
C TRP B 209 -16.31 5.96 -9.30
N LEU C 8 10.65 7.43 7.14
CA LEU C 8 9.35 8.18 7.24
C LEU C 8 8.12 7.26 7.47
N PRO C 9 7.63 6.54 6.46
CA PRO C 9 6.58 5.55 6.73
C PRO C 9 7.13 4.23 7.31
N VAL C 10 8.41 3.94 7.04
CA VAL C 10 9.03 2.70 7.52
C VAL C 10 10.09 3.08 8.57
N THR C 11 10.03 2.42 9.73
CA THR C 11 10.87 2.79 10.87
C THR C 11 11.84 1.70 11.35
N PHE C 12 11.41 0.44 11.27
CA PHE C 12 12.32 -0.70 11.48
C PHE C 12 13.47 -0.64 10.47
N GLY C 13 14.65 -1.12 10.86
CA GLY C 13 15.87 -1.01 10.07
C GLY C 13 16.72 -2.25 10.26
N LYS C 14 17.98 -2.22 9.80
CA LYS C 14 18.85 -3.41 9.88
C LYS C 14 19.29 -3.68 11.32
N ASN C 15 19.26 -2.62 12.12
CA ASN C 15 19.45 -2.71 13.56
C ASN C 15 18.32 -3.48 14.24
N ASP C 16 17.25 -3.74 13.51
CA ASP C 16 16.10 -4.52 13.99
C ASP C 16 16.09 -5.95 13.45
N VAL C 17 17.08 -6.26 12.61
CA VAL C 17 17.25 -7.58 12.00
C VAL C 17 18.57 -8.25 12.44
N GLU C 18 18.47 -9.53 12.75
CA GLU C 18 19.62 -10.35 13.07
C GLU C 18 19.71 -11.48 12.05
N ILE C 19 20.62 -11.32 11.09
CA ILE C 19 20.81 -12.31 10.05
C ILE C 19 21.75 -13.37 10.58
N ILE C 20 21.22 -14.56 10.85
CA ILE C 20 22.01 -15.60 11.53
C ILE C 20 23.01 -16.27 10.59
N ALA C 21 22.54 -16.66 9.41
CA ALA C 21 23.34 -17.45 8.48
C ALA C 21 22.75 -17.31 7.09
N ARG C 22 23.61 -17.50 6.08
CA ARG C 22 23.18 -17.65 4.70
C ARG C 22 23.80 -18.93 4.23
N GLU C 23 22.96 -19.92 3.90
CA GLU C 23 23.43 -21.28 3.64
C GLU C 23 23.14 -21.78 2.20
N THR C 24 24.21 -21.73 1.40
CA THR C 24 24.23 -22.11 -0.01
C THR C 24 23.52 -23.41 -0.36
N LEU C 25 22.45 -23.31 -1.12
CA LEU C 25 21.69 -24.47 -1.57
C LEU C 25 22.11 -24.95 -2.96
N TYR C 26 22.62 -24.00 -3.75
CA TYR C 26 23.15 -24.27 -5.08
C TYR C 26 24.11 -23.16 -5.50
N ARG C 27 25.15 -23.53 -6.23
CA ARG C 27 26.11 -22.56 -6.71
C ARG C 27 26.64 -22.97 -8.07
N GLY C 28 26.10 -22.34 -9.10
CA GLY C 28 26.62 -22.47 -10.45
C GLY C 28 26.94 -21.05 -10.86
N PHE C 29 26.46 -20.69 -12.04
CA PHE C 29 26.61 -19.33 -12.54
C PHE C 29 25.93 -18.36 -11.58
N SER C 30 24.71 -18.73 -11.19
CA SER C 30 23.99 -18.02 -10.15
C SER C 30 23.90 -18.91 -8.92
N SER C 31 23.36 -18.36 -7.84
CA SER C 31 23.37 -19.09 -6.60
C SER C 31 22.07 -18.94 -5.85
N LEU C 32 21.66 -20.02 -5.20
CA LEU C 32 20.48 -20.05 -4.37
C LEU C 32 20.88 -20.22 -2.93
N ASP C 33 20.44 -19.30 -2.09
CA ASP C 33 20.77 -19.34 -0.68
C ASP C 33 19.55 -19.47 0.25
N LEU C 34 19.81 -19.95 1.45
CA LEU C 34 18.79 -19.92 2.49
C LEU C 34 19.29 -18.94 3.52
N TYR C 35 18.56 -17.83 3.67
CA TYR C 35 18.78 -16.92 4.78
C TYR C 35 18.11 -17.50 6.05
N ARG C 36 18.89 -17.65 7.10
CA ARG C 36 18.36 -17.93 8.41
C ARG C 36 18.44 -16.60 9.15
N PHE C 37 17.33 -16.17 9.73
CA PHE C 37 17.29 -14.88 10.42
C PHE C 37 16.12 -14.75 11.38
N ARG C 38 16.24 -13.79 12.29
CA ARG C 38 15.13 -13.36 13.12
C ARG C 38 15.03 -11.84 13.05
N HIS C 39 13.82 -11.32 13.19
CA HIS C 39 13.57 -9.89 13.06
C HIS C 39 12.53 -9.41 14.06
N ARG C 40 12.57 -8.12 14.34
CA ARG C 40 11.55 -7.48 15.13
C ARG C 40 10.15 -7.75 14.54
N LEU C 41 9.20 -8.00 15.42
CA LEU C 41 7.81 -7.99 15.06
C LEU C 41 7.26 -6.62 15.33
N PHE C 42 6.19 -6.25 14.63
CA PHE C 42 5.60 -4.93 14.76
C PHE C 42 5.12 -4.58 16.17
N ASN C 43 4.70 -5.59 16.93
CA ASN C 43 4.36 -5.37 18.32
C ASN C 43 5.58 -5.06 19.20
N GLY C 44 6.75 -5.52 18.80
CA GLY C 44 7.96 -5.24 19.56
C GLY C 44 8.66 -6.48 20.06
N GLN C 45 8.04 -7.64 19.89
CA GLN C 45 8.72 -8.90 20.15
C GLN C 45 9.69 -9.20 19.01
N MET C 46 10.64 -10.09 19.25
CA MET C 46 11.54 -10.54 18.21
C MET C 46 10.98 -11.84 17.72
N SER C 47 11.10 -12.10 16.42
CA SER C 47 10.59 -13.32 15.85
C SER C 47 11.43 -14.54 16.25
N HIS C 48 10.89 -15.72 15.97
CA HIS C 48 11.66 -16.96 15.94
C HIS C 48 12.52 -16.96 14.66
N GLU C 49 13.44 -17.91 14.54
CA GLU C 49 14.28 -17.99 13.34
C GLU C 49 13.40 -18.17 12.12
N VAL C 50 13.65 -17.36 11.10
CA VAL C 50 12.96 -17.47 9.83
C VAL C 50 13.94 -17.95 8.75
N ARG C 51 13.48 -18.92 7.96
CA ARG C 51 14.25 -19.42 6.83
C ARG C 51 13.63 -19.04 5.49
N ARG C 52 14.39 -18.36 4.64
CA ARG C 52 13.94 -17.97 3.33
C ARG C 52 14.93 -18.37 2.24
N GLU C 53 14.40 -18.80 1.09
CA GLU C 53 15.21 -19.23 -0.07
C GLU C 53 15.42 -18.09 -1.06
N ILE C 54 16.62 -17.48 -1.07
CA ILE C 54 16.89 -16.30 -1.92
C ILE C 54 17.82 -16.55 -3.14
N PHE C 55 17.31 -16.26 -4.32
CA PHE C 55 18.07 -16.31 -5.57
C PHE C 55 19.03 -15.14 -5.67
N GLU C 56 20.29 -15.43 -5.95
CA GLU C 56 21.31 -14.43 -6.14
C GLU C 56 21.85 -14.52 -7.55
N ARG C 57 21.71 -13.44 -8.32
CA ARG C 57 22.33 -13.38 -9.63
C ARG C 57 23.02 -12.03 -9.85
N GLY C 58 23.11 -11.23 -8.80
CA GLY C 58 23.70 -9.91 -8.91
C GLY C 58 22.66 -8.87 -9.25
N HIS C 59 23.13 -7.74 -9.78
CA HIS C 59 22.29 -6.56 -9.99
C HIS C 59 22.57 -6.01 -11.35
N ALA C 60 21.67 -5.17 -11.86
CA ALA C 60 21.66 -4.82 -13.25
C ALA C 60 21.66 -3.33 -13.42
N ALA C 61 22.25 -2.86 -14.51
CA ALA C 61 22.10 -1.47 -14.96
C ALA C 61 21.24 -1.48 -16.20
N VAL C 62 20.31 -0.55 -16.26
CA VAL C 62 19.35 -0.50 -17.36
C VAL C 62 19.36 0.89 -17.98
N LEU C 63 19.57 0.97 -19.30
CA LEU C 63 19.45 2.24 -20.02
C LEU C 63 18.22 2.26 -20.92
N LEU C 64 17.45 3.32 -20.83
CA LEU C 64 16.32 3.51 -21.72
C LEU C 64 16.77 4.57 -22.70
N PRO C 65 16.95 4.19 -23.96
CA PRO C 65 17.53 5.11 -24.93
C PRO C 65 16.46 5.96 -25.57
N PHE C 66 16.50 7.26 -25.34
CA PHE C 66 15.43 8.17 -25.74
C PHE C 66 15.93 9.28 -26.65
N ASP C 67 15.15 9.59 -27.68
CA ASP C 67 15.54 10.60 -28.64
C ASP C 67 14.61 11.82 -28.51
N PRO C 68 15.08 12.78 -27.73
CA PRO C 68 14.32 14.01 -27.43
C PRO C 68 13.76 14.68 -28.66
N VAL C 69 14.53 14.81 -29.75
CA VAL C 69 14.07 15.52 -30.95
C VAL C 69 13.03 14.69 -31.70
N ARG C 70 13.36 13.42 -31.91
CA ARG C 70 12.54 12.53 -32.71
C ARG C 70 11.33 11.99 -31.93
N ASP C 71 11.42 12.01 -30.60
CA ASP C 71 10.41 11.47 -29.70
C ASP C 71 10.27 9.98 -29.93
N GLU C 72 11.41 9.31 -29.77
CA GLU C 72 11.58 7.96 -30.22
C GLU C 72 12.41 7.23 -29.22
N VAL C 73 12.13 5.94 -29.16
CA VAL C 73 12.83 5.04 -28.28
C VAL C 73 13.53 3.93 -29.09
N VAL C 74 14.59 3.41 -28.52
CA VAL C 74 15.34 2.34 -29.11
C VAL C 74 15.09 1.16 -28.20
N LEU C 75 14.64 0.08 -28.81
CA LEU C 75 14.26 -1.13 -28.10
C LEU C 75 15.18 -2.17 -28.64
N ILE C 76 15.49 -3.18 -27.83
CA ILE C 76 16.33 -4.30 -28.26
C ILE C 76 15.57 -5.63 -28.09
N GLU C 77 15.71 -6.53 -29.06
CA GLU C 77 14.86 -7.71 -29.16
C GLU C 77 15.71 -8.93 -28.89
N GLN C 78 15.33 -9.78 -27.95
CA GLN C 78 16.20 -10.95 -27.68
C GLN C 78 15.48 -12.00 -26.88
N ILE C 79 15.90 -13.27 -26.97
CA ILE C 79 15.15 -14.35 -26.30
C ILE C 79 15.39 -14.39 -24.83
N ARG C 80 14.32 -14.55 -24.06
CA ARG C 80 14.39 -14.85 -22.66
C ARG C 80 13.69 -16.20 -22.42
N ILE C 81 14.46 -17.27 -22.41
CA ILE C 81 13.84 -18.59 -22.25
C ILE C 81 12.89 -18.65 -21.06
N ALA C 82 13.18 -17.95 -19.96
CA ALA C 82 12.28 -18.06 -18.81
C ALA C 82 10.89 -17.52 -19.07
N ALA C 83 10.74 -16.70 -20.13
CA ALA C 83 9.43 -16.21 -20.50
C ALA C 83 8.61 -17.31 -21.22
N TYR C 84 9.31 -18.37 -21.62
CA TYR C 84 8.73 -19.39 -22.51
C TYR C 84 7.37 -19.84 -22.03
N ASP C 85 7.28 -20.25 -20.75
CA ASP C 85 6.05 -20.85 -20.25
C ASP C 85 4.79 -20.01 -20.12
N THR C 86 4.93 -18.69 -20.06
CA THR C 86 3.77 -17.86 -19.84
C THR C 86 3.59 -16.86 -20.95
N SER C 87 4.39 -16.97 -22.01
CA SER C 87 4.32 -16.03 -23.14
C SER C 87 4.02 -16.74 -24.45
N GLU C 88 3.48 -15.99 -25.39
CA GLU C 88 3.23 -16.52 -26.72
C GLU C 88 4.58 -16.69 -27.44
N THR C 89 5.52 -15.81 -27.13
CA THR C 89 6.88 -15.99 -27.63
C THR C 89 7.92 -15.56 -26.56
N PRO C 90 8.99 -16.32 -26.41
CA PRO C 90 10.08 -15.92 -25.49
C PRO C 90 11.01 -14.79 -25.96
N TRP C 91 10.77 -14.26 -27.17
CA TRP C 91 11.57 -13.13 -27.65
C TRP C 91 10.89 -11.83 -27.22
N LEU C 92 11.61 -11.00 -26.46
CA LEU C 92 11.08 -9.80 -25.85
C LEU C 92 11.71 -8.53 -26.38
N LEU C 93 10.92 -7.46 -26.38
CA LEU C 93 11.42 -6.13 -26.70
C LEU C 93 11.81 -5.47 -25.35
N GLU C 94 13.09 -5.22 -25.14
CA GLU C 94 13.53 -4.71 -23.84
C GLU C 94 14.31 -3.38 -23.93
N MET C 95 14.83 -2.96 -22.77
CA MET C 95 15.73 -1.82 -22.63
C MET C 95 17.16 -2.31 -22.68
N VAL C 96 18.06 -1.48 -23.20
CA VAL C 96 19.49 -1.74 -23.07
C VAL C 96 19.78 -2.02 -21.60
N ALA C 97 20.60 -3.05 -21.32
CA ALA C 97 20.88 -3.49 -19.96
C ALA C 97 22.07 -4.46 -19.82
N GLY C 98 22.69 -4.44 -18.64
CA GLY C 98 23.69 -5.44 -18.30
C GLY C 98 23.91 -5.55 -16.81
N MET C 99 24.45 -6.69 -16.41
CA MET C 99 24.79 -6.93 -15.01
C MET C 99 25.97 -6.06 -14.65
N ILE C 100 26.03 -5.66 -13.37
CA ILE C 100 27.11 -4.82 -12.83
C ILE C 100 28.12 -5.70 -12.07
N GLU C 101 29.40 -5.63 -12.46
CA GLU C 101 30.44 -6.43 -11.83
C GLU C 101 31.30 -5.58 -10.90
N GLU C 102 31.83 -6.25 -9.87
CA GLU C 102 32.81 -5.67 -8.94
C GLU C 102 32.68 -4.16 -8.66
N GLY C 103 33.50 -3.34 -9.33
CA GLY C 103 33.59 -1.94 -8.97
C GLY C 103 33.19 -0.96 -10.07
N GLU C 104 32.25 -1.37 -10.93
CA GLU C 104 31.75 -0.46 -11.96
C GLU C 104 30.52 0.30 -11.45
N SER C 105 30.36 1.54 -11.92
CA SER C 105 29.13 2.32 -11.70
C SER C 105 28.00 1.86 -12.64
N VAL C 106 26.76 2.21 -12.29
CA VAL C 106 25.59 1.93 -13.10
C VAL C 106 25.62 2.74 -14.40
N GLU C 107 26.10 3.98 -14.32
CA GLU C 107 26.15 4.86 -15.51
C GLU C 107 27.17 4.34 -16.52
N ASP C 108 28.26 3.80 -16.01
CA ASP C 108 29.27 3.29 -16.90
C ASP C 108 28.81 2.00 -17.55
N VAL C 109 28.14 1.13 -16.79
CA VAL C 109 27.59 -0.11 -17.35
C VAL C 109 26.46 0.20 -18.36
N ALA C 110 25.66 1.22 -18.07
CA ALA C 110 24.61 1.70 -19.00
C ALA C 110 25.16 2.19 -20.34
N ARG C 111 26.34 2.77 -20.29
CA ARG C 111 26.92 3.37 -21.47
C ARG C 111 27.59 2.31 -22.31
N ARG C 112 28.30 1.40 -21.64
CA ARG C 112 28.94 0.29 -22.31
C ARG C 112 27.89 -0.54 -23.06
N GLU C 113 26.78 -0.84 -22.36
CA GLU C 113 25.70 -1.68 -22.87
C GLU C 113 25.07 -1.09 -24.11
N ALA C 114 24.86 0.22 -24.11
CA ALA C 114 24.34 0.93 -25.29
C ALA C 114 25.15 0.65 -26.55
N ILE C 115 26.49 0.65 -26.41
CA ILE C 115 27.43 0.34 -27.50
C ILE C 115 27.27 -1.11 -27.94
N GLU C 116 27.46 -2.02 -26.99
CA GLU C 116 27.45 -3.46 -27.23
C GLU C 116 26.10 -4.02 -27.70
N GLU C 117 25.00 -3.45 -27.22
CA GLU C 117 23.69 -3.99 -27.52
C GLU C 117 23.00 -3.29 -28.69
N ALA C 118 23.32 -2.02 -28.88
CA ALA C 118 22.62 -1.24 -29.91
C ALA C 118 23.55 -0.36 -30.71
N GLY C 119 24.85 -0.54 -30.50
CA GLY C 119 25.86 0.36 -31.05
C GLY C 119 25.46 1.83 -31.01
N LEU C 120 25.08 2.31 -29.84
CA LEU C 120 24.63 3.68 -29.66
C LEU C 120 25.64 4.41 -28.78
N ILE C 121 25.84 5.70 -29.07
CA ILE C 121 26.65 6.53 -28.19
C ILE C 121 25.74 7.45 -27.42
N VAL C 122 25.78 7.30 -26.11
CA VAL C 122 24.85 8.01 -25.26
C VAL C 122 25.49 9.31 -24.85
N LYS C 123 24.79 10.39 -25.15
CA LYS C 123 25.15 11.72 -24.67
C LYS C 123 24.95 11.83 -23.14
N ARG C 124 24.02 12.69 -22.75
CA ARG C 124 23.66 12.85 -21.33
C ARG C 124 22.89 11.68 -20.73
N THR C 125 23.13 11.46 -19.44
CA THR C 125 22.36 10.51 -18.67
C THR C 125 21.65 11.18 -17.49
N LYS C 126 20.47 10.67 -17.14
CA LYS C 126 19.72 11.08 -15.94
C LYS C 126 19.25 9.82 -15.21
N PRO C 127 19.31 9.80 -13.88
CA PRO C 127 18.72 8.67 -13.14
C PRO C 127 17.20 8.64 -13.33
N VAL C 128 16.64 7.45 -13.56
CA VAL C 128 15.21 7.25 -13.59
C VAL C 128 14.80 6.77 -12.21
N LEU C 129 14.85 5.45 -12.01
CA LEU C 129 14.38 4.80 -10.78
C LEU C 129 15.16 3.51 -10.64
N SER C 130 15.19 2.95 -9.44
CA SER C 130 15.94 1.73 -9.21
C SER C 130 15.04 0.80 -8.43
N PHE C 131 14.81 -0.40 -8.94
CA PHE C 131 13.71 -1.18 -8.39
C PHE C 131 14.15 -2.57 -8.03
N LEU C 132 13.53 -3.15 -7.01
CA LEU C 132 13.79 -4.55 -6.67
C LEU C 132 12.83 -5.38 -7.50
N ALA C 133 13.35 -6.36 -8.22
CA ALA C 133 12.57 -7.08 -9.22
C ALA C 133 11.46 -7.93 -8.64
N SER C 134 11.80 -8.70 -7.60
CA SER C 134 10.84 -9.59 -6.97
C SER C 134 11.43 -9.94 -5.62
N PRO C 135 11.38 -9.00 -4.68
CA PRO C 135 12.15 -9.13 -3.42
C PRO C 135 11.72 -10.29 -2.53
N GLY C 136 10.58 -10.90 -2.83
CA GLY C 136 10.15 -12.03 -2.03
C GLY C 136 10.82 -13.29 -2.48
N GLY C 137 11.58 -13.20 -3.57
CA GLY C 137 12.22 -14.36 -4.17
C GLY C 137 13.72 -14.21 -4.39
N THR C 138 14.15 -12.98 -4.67
CA THR C 138 15.48 -12.71 -5.20
C THR C 138 16.03 -11.34 -4.78
N SER C 139 17.34 -11.23 -4.81
CA SER C 139 17.99 -10.01 -4.37
C SER C 139 18.07 -8.98 -5.51
N GLU C 140 17.69 -9.37 -6.73
CA GLU C 140 18.02 -8.54 -7.89
C GLU C 140 17.54 -7.13 -7.70
N ARG C 141 18.37 -6.18 -8.03
CA ARG C 141 17.99 -4.78 -8.16
C ARG C 141 18.39 -4.41 -9.57
N SER C 142 17.63 -3.49 -10.18
CA SER C 142 17.93 -2.95 -11.50
C SER C 142 17.80 -1.44 -11.41
N SER C 143 18.85 -0.72 -11.80
CA SER C 143 18.87 0.76 -11.70
C SER C 143 18.75 1.38 -13.08
N ILE C 144 17.70 2.16 -13.30
CA ILE C 144 17.43 2.64 -14.66
C ILE C 144 17.94 4.05 -14.86
N MET C 145 18.67 4.27 -15.94
CA MET C 145 18.94 5.64 -16.33
C MET C 145 18.35 5.88 -17.69
N VAL C 146 17.97 7.13 -17.96
CA VAL C 146 17.61 7.54 -19.29
C VAL C 146 18.85 8.15 -19.94
N GLY C 147 18.98 7.93 -21.23
CA GLY C 147 20.18 8.25 -21.96
C GLY C 147 19.79 8.96 -23.23
N GLU C 148 20.27 10.19 -23.41
CA GLU C 148 20.08 10.94 -24.65
C GLU C 148 20.75 10.25 -25.82
N VAL C 149 20.02 10.17 -26.92
CA VAL C 149 20.45 9.38 -28.06
C VAL C 149 19.95 9.95 -29.39
N ASP C 150 20.70 9.70 -30.46
CA ASP C 150 20.23 10.01 -31.81
C ASP C 150 19.65 8.75 -32.49
N ALA C 151 18.34 8.55 -32.33
CA ALA C 151 17.66 7.36 -32.86
C ALA C 151 18.19 6.95 -34.25
N THR C 152 18.47 7.93 -35.12
CA THR C 152 18.94 7.62 -36.48
C THR C 152 20.25 6.83 -36.52
N THR C 153 21.08 6.95 -35.48
CA THR C 153 22.29 6.14 -35.36
C THR C 153 21.99 4.70 -34.89
N ALA C 154 20.70 4.36 -34.86
CA ALA C 154 20.24 3.02 -34.51
C ALA C 154 19.32 2.49 -35.61
N ASN C 164 26.73 -15.21 -26.93
CA ASN C 164 25.55 -15.53 -26.14
C ASN C 164 24.40 -14.55 -26.39
N GLU C 165 24.74 -13.35 -26.88
CA GLU C 165 23.75 -12.31 -27.18
C GLU C 165 23.39 -12.32 -28.66
N ASP C 166 22.11 -12.29 -28.96
CA ASP C 166 21.70 -12.09 -30.33
C ASP C 166 20.57 -11.09 -30.28
N ILE C 167 20.83 -9.87 -30.76
CA ILE C 167 19.98 -8.72 -30.49
C ILE C 167 19.64 -8.02 -31.78
N ARG C 168 18.36 -7.77 -31.98
CA ARG C 168 17.94 -6.93 -33.06
C ARG C 168 17.46 -5.64 -32.44
N VAL C 169 17.75 -4.54 -33.12
CA VAL C 169 17.49 -3.20 -32.63
C VAL C 169 16.24 -2.73 -33.30
N HIS C 170 15.36 -2.06 -32.54
CA HIS C 170 14.18 -1.47 -33.11
C HIS C 170 14.10 0.03 -32.74
N VAL C 171 13.64 0.87 -33.65
CA VAL C 171 13.45 2.28 -33.34
C VAL C 171 11.99 2.57 -33.50
N VAL C 172 11.32 2.95 -32.42
CA VAL C 172 9.91 3.26 -32.49
C VAL C 172 9.61 4.61 -31.86
N SER C 173 8.48 5.18 -32.25
CA SER C 173 7.94 6.36 -31.59
C SER C 173 7.57 6.07 -30.13
N ARG C 174 7.86 7.04 -29.24
CA ARG C 174 7.65 6.87 -27.80
C ARG C 174 6.23 6.47 -27.56
N GLU C 175 5.33 7.05 -28.33
CA GLU C 175 3.90 6.79 -28.19
C GLU C 175 3.54 5.30 -28.37
N GLN C 176 4.15 4.65 -29.35
CA GLN C 176 3.79 3.29 -29.67
C GLN C 176 4.45 2.31 -28.67
N ALA C 177 5.63 2.66 -28.18
CA ALA C 177 6.27 1.82 -27.19
C ALA C 177 5.41 1.82 -25.95
N TYR C 178 4.88 3.00 -25.60
CA TYR C 178 4.05 3.10 -24.41
C TYR C 178 2.71 2.31 -24.54
N GLN C 179 2.07 2.46 -25.69
CA GLN C 179 0.80 1.81 -25.98
C GLN C 179 0.99 0.33 -25.99
N TRP C 180 2.15 -0.13 -26.45
CA TRP C 180 2.50 -1.55 -26.33
C TRP C 180 2.61 -2.04 -24.90
N VAL C 181 3.12 -1.19 -24.00
CA VAL C 181 3.16 -1.42 -22.57
C VAL C 181 1.76 -1.37 -21.98
N GLU C 182 1.02 -0.31 -22.28
CA GLU C 182 -0.39 -0.20 -21.93
C GLU C 182 -1.22 -1.46 -22.28
N GLU C 183 -0.91 -2.09 -23.39
CA GLU C 183 -1.66 -3.22 -23.87
C GLU C 183 -0.99 -4.56 -23.47
N GLY C 184 0.08 -4.48 -22.69
CA GLY C 184 0.70 -5.72 -22.20
C GLY C 184 1.53 -6.49 -23.21
N LYS C 185 1.88 -5.86 -24.32
CA LYS C 185 2.78 -6.45 -25.29
C LYS C 185 4.29 -6.31 -24.94
N ILE C 186 4.69 -5.21 -24.33
CA ILE C 186 6.04 -5.11 -23.69
C ILE C 186 5.73 -5.34 -22.22
N ASP C 187 6.23 -6.43 -21.68
CA ASP C 187 5.78 -6.75 -20.34
C ASP C 187 6.85 -7.21 -19.39
N ASN C 188 8.11 -6.87 -19.67
CA ASN C 188 9.18 -7.07 -18.71
C ASN C 188 9.27 -5.86 -17.79
N ALA C 189 9.49 -6.14 -16.51
CA ALA C 189 9.45 -5.14 -15.44
C ALA C 189 10.21 -3.85 -15.79
N ALA C 190 11.46 -4.01 -16.21
CA ALA C 190 12.39 -2.88 -16.47
C ALA C 190 11.94 -1.94 -17.55
N SER C 191 11.43 -2.51 -18.63
CA SER C 191 10.84 -1.76 -19.73
C SER C 191 9.57 -1.08 -19.31
N VAL C 192 8.71 -1.83 -18.63
CA VAL C 192 7.47 -1.27 -18.17
C VAL C 192 7.75 -0.03 -17.31
N ILE C 193 8.57 -0.17 -16.29
CA ILE C 193 8.86 0.89 -15.35
C ILE C 193 9.46 2.13 -16.03
N ALA C 194 10.43 1.91 -16.93
CA ALA C 194 11.10 2.94 -17.71
C ALA C 194 10.22 3.75 -18.68
N LEU C 195 9.31 3.05 -19.37
CA LEU C 195 8.41 3.68 -20.32
C LEU C 195 7.23 4.39 -19.69
N GLN C 196 6.65 3.80 -18.64
CA GLN C 196 5.68 4.55 -17.85
C GLN C 196 6.30 5.83 -17.26
N TRP C 197 7.54 5.72 -16.81
CA TRP C 197 8.25 6.86 -16.27
C TRP C 197 8.39 7.88 -17.41
N LEU C 198 9.03 7.45 -18.51
CA LEU C 198 9.14 8.29 -19.65
C LEU C 198 7.84 9.00 -19.94
N GLN C 199 6.74 8.25 -19.95
CA GLN C 199 5.43 8.80 -20.35
C GLN C 199 4.92 9.86 -19.38
N LEU C 200 5.39 9.82 -18.15
CA LEU C 200 4.94 10.78 -17.17
C LEU C 200 5.86 11.98 -17.20
N HIS C 201 7.06 11.79 -17.75
CA HIS C 201 8.12 12.78 -17.63
C HIS C 201 8.65 13.33 -18.96
N HIS C 202 8.09 12.90 -20.08
CA HIS C 202 8.75 13.15 -21.36
C HIS C 202 8.84 14.61 -21.79
N GLN C 203 7.75 15.36 -21.66
CA GLN C 203 7.74 16.72 -22.15
C GLN C 203 8.74 17.58 -21.34
N ALA C 204 8.64 17.51 -20.03
CA ALA C 204 9.62 18.17 -19.19
C ALA C 204 11.05 17.85 -19.59
N LEU C 205 11.29 16.60 -19.97
CA LEU C 205 12.63 16.12 -20.32
C LEU C 205 12.98 16.48 -21.76
N LYS C 206 11.96 16.72 -22.58
CA LYS C 206 12.16 17.31 -23.90
C LYS C 206 12.78 18.71 -23.70
N ASN C 207 12.04 19.60 -23.03
CA ASN C 207 12.52 20.94 -22.62
C ASN C 207 13.90 20.99 -21.93
N GLU C 208 14.11 20.14 -20.94
CA GLU C 208 15.43 20.07 -20.31
C GLU C 208 16.48 19.86 -21.36
N TRP C 209 16.22 18.93 -22.27
CA TRP C 209 17.26 18.54 -23.20
C TRP C 209 17.34 19.40 -24.47
N ALA C 210 16.27 20.16 -24.74
CA ALA C 210 16.24 21.12 -25.85
C ALA C 210 17.31 22.20 -25.73
#